data_1P3E
#
_entry.id   1P3E
#
_cell.length_a   61.936
_cell.length_b   55.757
_cell.length_c   60.195
_cell.angle_alpha   90.00
_cell.angle_beta   118.17
_cell.angle_gamma   90.00
#
_symmetry.space_group_name_H-M   'C 1 2 1'
#
loop_
_entity.id
_entity.type
_entity.pdbx_description
1 polymer glutamyl-endopeptidase
2 non-polymer (4S)-2-METHYL-2,4-PENTANEDIOL
3 water water
#
_entity_poly.entity_id   1
_entity_poly.type   'polypeptide(L)'
_entity_poly.pdbx_seq_one_letter_code
;VVIGDDGRTKVANTRVAPYNSIAYITFGGSSCTGTLIAPNKILTNGHCVYNTASRSYSAKGSVYPGMNDSTAVNGSANMT
EFYVPSGYINTGASQYDFAVIKTDTNIGNTVGYRSIRQVTNLTGTTIKISGYPGDKMRSTGKVSQWEMSGSVTREDTNLA
YYTIDTFSGNSGSAMLDQNQQIVGVHNAGYSNGTINGGPKATAAFVEFINYAKAQ
;
_entity_poly.pdbx_strand_id   A
#
# COMPACT_ATOMS: atom_id res chain seq x y z
N VAL A 1 -3.65 2.99 -12.86
CA VAL A 1 -4.10 3.88 -13.95
C VAL A 1 -5.43 4.57 -13.61
N VAL A 2 -5.63 5.78 -14.11
CA VAL A 2 -6.94 6.40 -14.02
C VAL A 2 -7.77 6.02 -15.24
N ILE A 3 -8.91 5.40 -15.01
CA ILE A 3 -9.71 4.82 -16.09
C ILE A 3 -10.97 5.66 -16.28
N GLY A 4 -11.11 6.26 -17.47
CA GLY A 4 -12.21 7.20 -17.71
C GLY A 4 -12.24 8.34 -16.71
N ASP A 5 -13.41 8.61 -16.16
CA ASP A 5 -13.56 9.64 -15.19
C ASP A 5 -13.01 9.21 -13.84
N ASP A 6 -12.27 10.13 -13.24
CA ASP A 6 -11.66 9.91 -11.95
C ASP A 6 -12.73 9.83 -10.86
N GLY A 7 -12.69 8.76 -10.08
CA GLY A 7 -13.68 8.53 -9.03
C GLY A 7 -13.16 8.73 -7.61
N ARG A 8 -11.92 9.21 -7.50
CA ARG A 8 -11.31 9.34 -6.21
C ARG A 8 -11.80 10.59 -5.50
N THR A 9 -11.92 10.49 -4.19
CA THR A 9 -12.32 11.59 -3.32
C THR A 9 -11.33 11.76 -2.15
N LYS A 10 -11.18 13.00 -1.71
CA LYS A 10 -10.26 13.32 -0.62
C LYS A 10 -10.79 12.81 0.71
N VAL A 11 -9.94 12.13 1.45
CA VAL A 11 -10.27 11.66 2.78
C VAL A 11 -10.38 12.89 3.68
N ALA A 12 -11.53 13.05 4.32
CA ALA A 12 -11.82 14.22 5.15
C ALA A 12 -11.15 14.16 6.52
N ASN A 13 -11.13 12.98 7.13
CA ASN A 13 -10.55 12.81 8.46
C ASN A 13 -9.53 11.68 8.51
N THR A 14 -8.25 12.04 8.68
CA THR A 14 -7.20 11.04 8.79
C THR A 14 -6.77 10.76 10.21
N ARG A 15 -7.60 11.18 11.18
CA ARG A 15 -7.34 10.96 12.59
C ARG A 15 -8.15 9.79 13.11
N VAL A 16 -8.90 9.14 12.23
CA VAL A 16 -9.69 7.96 12.55
C VAL A 16 -9.35 6.78 11.61
N ALA A 17 -9.65 5.57 12.06
CA ALA A 17 -9.39 4.35 11.29
C ALA A 17 -10.35 4.23 10.11
N PRO A 18 -9.91 3.61 9.03
CA PRO A 18 -8.56 3.05 8.84
C PRO A 18 -7.51 4.05 8.35
N TYR A 19 -7.94 5.28 8.07
CA TYR A 19 -7.13 6.29 7.38
C TYR A 19 -5.93 6.75 8.15
N ASN A 20 -6.04 6.74 9.49
CA ASN A 20 -4.89 7.09 10.32
C ASN A 20 -3.77 6.05 10.27
N SER A 21 -4.04 4.84 9.80
CA SER A 21 -3.03 3.79 9.71
C SER A 21 -2.38 3.71 8.30
N ILE A 22 -2.89 4.48 7.35
CA ILE A 22 -2.39 4.52 5.98
C ILE A 22 -1.42 5.68 5.84
N ALA A 23 -0.20 5.40 5.38
CA ALA A 23 0.90 6.34 5.51
C ALA A 23 1.42 6.79 4.14
N TYR A 24 1.83 8.05 4.07
CA TYR A 24 2.71 8.53 3.02
C TYR A 24 4.14 8.10 3.40
N ILE A 25 4.79 7.36 2.52
CA ILE A 25 6.15 6.88 2.84
C ILE A 25 7.11 7.41 1.79
N THR A 26 8.30 7.88 2.23
CA THR A 26 9.26 8.48 1.31
C THR A 26 10.52 7.65 1.27
N PHE A 27 11.17 7.73 0.12
CA PHE A 27 12.47 7.13 -0.11
C PHE A 27 13.35 8.23 -0.69
N GLY A 28 14.61 7.91 -0.94
CA GLY A 28 15.51 8.92 -1.48
C GLY A 28 15.16 9.41 -2.88
N GLY A 29 14.48 8.55 -3.64
CA GLY A 29 14.12 8.93 -5.00
C GLY A 29 12.68 8.75 -5.41
N SER A 30 11.78 8.51 -4.46
CA SER A 30 10.39 8.23 -4.83
C SER A 30 9.52 8.27 -3.58
N SER A 31 8.20 8.14 -3.75
CA SER A 31 7.32 7.95 -2.60
C SER A 31 6.30 6.89 -2.97
N CYS A 32 5.71 6.27 -1.96
CA CYS A 32 4.69 5.25 -2.15
C CYS A 32 3.65 5.43 -1.05
N THR A 33 2.71 4.47 -0.98
CA THR A 33 1.81 4.36 0.14
C THR A 33 2.16 3.11 0.92
N GLY A 34 1.90 3.13 2.22
CA GLY A 34 1.99 1.92 3.03
C GLY A 34 0.93 1.91 4.11
N THR A 35 0.79 0.77 4.79
CA THR A 35 -0.21 0.60 5.82
C THR A 35 0.42 -0.05 7.03
N LEU A 36 0.16 0.48 8.22
N LEU A 36 0.13 0.45 8.22
CA LEU A 36 0.71 -0.10 9.43
CA LEU A 36 0.71 -0.12 9.44
C LEU A 36 0.04 -1.45 9.62
C LEU A 36 0.03 -1.44 9.69
N ILE A 37 0.84 -2.46 9.91
CA ILE A 37 0.31 -3.80 10.20
C ILE A 37 0.84 -4.34 11.53
N ALA A 38 1.66 -3.55 12.21
CA ALA A 38 2.14 -3.94 13.55
C ALA A 38 2.63 -2.68 14.26
N PRO A 39 3.08 -2.76 15.53
CA PRO A 39 3.55 -1.56 16.21
C PRO A 39 4.60 -0.81 15.43
N ASN A 40 5.48 -1.51 14.72
CA ASN A 40 6.60 -0.86 14.05
C ASN A 40 6.84 -1.45 12.66
N LYS A 41 5.76 -1.87 11.99
CA LYS A 41 5.89 -2.47 10.68
C LYS A 41 4.87 -1.89 9.69
N ILE A 42 5.36 -1.54 8.49
CA ILE A 42 4.55 -1.02 7.38
C ILE A 42 4.57 -2.03 6.24
N LEU A 43 3.41 -2.24 5.64
CA LEU A 43 3.26 -3.04 4.45
C LEU A 43 3.14 -2.15 3.21
N THR A 44 3.93 -2.43 2.19
CA THR A 44 3.88 -1.69 0.95
C THR A 44 4.23 -2.66 -0.23
N ASN A 45 4.54 -2.13 -1.41
CA ASN A 45 4.95 -2.90 -2.57
C ASN A 45 6.44 -3.19 -2.52
N GLY A 46 6.80 -4.31 -3.13
CA GLY A 46 8.20 -4.64 -3.27
C GLY A 46 8.96 -3.65 -4.14
N HIS A 47 8.33 -3.22 -5.22
N HIS A 47 8.43 -3.22 -5.27
CA HIS A 47 8.95 -2.31 -6.19
CA HIS A 47 9.22 -2.30 -6.14
C HIS A 47 9.26 -0.93 -5.60
C HIS A 47 9.46 -0.97 -5.45
N CYS A 48 8.62 -0.60 -4.47
CA CYS A 48 8.90 0.61 -3.71
C CYS A 48 10.24 0.56 -2.99
N VAL A 49 10.63 -0.63 -2.56
CA VAL A 49 11.85 -0.79 -1.76
C VAL A 49 13.01 -1.42 -2.52
N TYR A 50 12.74 -2.06 -3.64
CA TYR A 50 13.79 -2.77 -4.39
C TYR A 50 13.53 -2.65 -5.87
N ASN A 51 14.56 -2.23 -6.60
CA ASN A 51 14.50 -2.05 -8.05
C ASN A 51 15.11 -3.29 -8.73
N THR A 52 14.26 -4.03 -9.40
CA THR A 52 14.62 -5.24 -10.14
C THR A 52 15.69 -4.99 -11.20
N ALA A 53 15.48 -3.92 -11.99
CA ALA A 53 16.40 -3.53 -13.08
C ALA A 53 17.80 -3.13 -12.61
N SER A 54 17.90 -2.32 -11.57
CA SER A 54 19.20 -1.87 -11.08
C SER A 54 19.77 -2.78 -9.99
N ARG A 55 19.02 -3.80 -9.57
CA ARG A 55 19.37 -4.65 -8.43
C ARG A 55 19.74 -3.83 -7.19
N SER A 56 18.94 -2.80 -6.89
CA SER A 56 19.27 -1.83 -5.88
C SER A 56 18.11 -1.62 -4.89
N TYR A 57 18.43 -1.56 -3.61
CA TYR A 57 17.43 -1.17 -2.62
C TYR A 57 17.28 0.35 -2.63
N SER A 58 16.09 0.82 -2.27
CA SER A 58 15.87 2.25 -2.16
C SER A 58 16.58 2.81 -0.94
N ALA A 59 16.92 4.07 -1.00
CA ALA A 59 17.45 4.79 0.12
C ALA A 59 16.29 4.99 1.10
N LYS A 60 16.57 4.75 2.39
CA LYS A 60 15.55 4.82 3.44
C LYS A 60 15.12 6.25 3.72
N GLY A 61 13.82 6.40 3.96
CA GLY A 61 13.24 7.69 4.31
C GLY A 61 12.32 7.59 5.50
N SER A 62 11.11 8.13 5.38
CA SER A 62 10.27 8.39 6.54
C SER A 62 8.83 7.99 6.25
N VAL A 63 8.05 7.89 7.32
CA VAL A 63 6.71 7.32 7.32
C VAL A 63 5.81 8.31 8.04
N TYR A 64 4.73 8.73 7.38
CA TYR A 64 3.80 9.74 7.89
C TYR A 64 2.39 9.20 7.88
N PRO A 65 1.95 8.54 8.95
CA PRO A 65 0.60 7.95 8.97
C PRO A 65 -0.51 9.01 8.98
N GLY A 66 -1.45 8.90 8.04
CA GLY A 66 -2.56 9.83 7.92
C GLY A 66 -2.15 11.29 7.74
N MET A 67 -1.05 11.51 7.04
CA MET A 67 -0.72 12.85 6.57
C MET A 67 -1.90 13.41 5.77
N ASN A 68 -2.25 14.67 5.97
CA ASN A 68 -3.29 15.32 5.16
C ASN A 68 -2.93 16.79 5.05
N ASP A 69 -3.23 17.38 3.91
CA ASP A 69 -2.80 18.75 3.61
C ASP A 69 -1.33 19.01 4.01
N SER A 70 -0.45 18.08 3.65
CA SER A 70 0.99 18.17 3.95
C SER A 70 1.33 18.37 5.43
N THR A 71 0.45 17.94 6.33
CA THR A 71 0.66 18.04 7.76
C THR A 71 0.67 16.65 8.38
N ALA A 72 1.74 16.37 9.11
CA ALA A 72 1.91 15.12 9.85
C ALA A 72 1.02 15.12 11.08
N VAL A 73 -0.28 14.92 10.85
N VAL A 73 -0.27 14.97 10.87
CA VAL A 73 -1.29 15.07 11.90
CA VAL A 73 -1.19 15.14 11.99
C VAL A 73 -1.28 13.92 12.93
C VAL A 73 -1.02 14.06 13.06
N ASN A 74 -0.50 12.89 12.68
CA ASN A 74 -0.32 11.78 13.62
C ASN A 74 1.17 11.50 13.83
N GLY A 75 2.03 12.46 13.53
CA GLY A 75 3.44 12.29 13.78
C GLY A 75 4.12 11.52 12.65
N SER A 76 5.35 11.09 12.90
CA SER A 76 6.20 10.46 11.88
C SER A 76 7.22 9.51 12.52
N ALA A 77 7.78 8.63 11.68
CA ALA A 77 8.81 7.67 12.07
C ALA A 77 9.81 7.50 10.92
N ASN A 78 11.00 7.00 11.20
CA ASN A 78 11.95 6.71 10.15
C ASN A 78 11.95 5.24 9.87
N MET A 79 12.39 4.91 8.66
CA MET A 79 12.53 3.53 8.23
C MET A 79 13.89 3.01 8.69
N THR A 80 13.93 1.78 9.19
CA THR A 80 15.18 1.16 9.65
C THR A 80 15.60 -0.13 8.94
N GLU A 81 14.66 -0.98 8.55
CA GLU A 81 14.97 -2.23 7.86
C GLU A 81 13.90 -2.56 6.82
N PHE A 82 14.32 -3.28 5.78
CA PHE A 82 13.42 -3.76 4.75
C PHE A 82 13.37 -5.27 4.76
N TYR A 83 12.19 -5.83 4.56
CA TYR A 83 12.00 -7.26 4.35
C TYR A 83 11.27 -7.48 3.03
N VAL A 84 11.94 -8.16 2.12
CA VAL A 84 11.44 -8.39 0.78
C VAL A 84 11.49 -9.86 0.52
N PRO A 85 10.42 -10.43 -0.06
CA PRO A 85 10.41 -11.85 -0.41
C PRO A 85 11.48 -12.23 -1.41
N SER A 86 12.15 -13.34 -1.15
CA SER A 86 13.16 -13.90 -2.05
C SER A 86 12.66 -13.98 -3.49
N GLY A 87 11.40 -14.36 -3.68
CA GLY A 87 10.79 -14.45 -5.00
C GLY A 87 10.74 -13.14 -5.75
N TYR A 88 10.56 -12.04 -5.03
CA TYR A 88 10.59 -10.76 -5.68
C TYR A 88 12.01 -10.43 -6.14
N ILE A 89 12.99 -10.65 -5.27
CA ILE A 89 14.40 -10.38 -5.60
C ILE A 89 14.78 -11.17 -6.86
N ASN A 90 14.30 -12.40 -6.96
CA ASN A 90 14.75 -13.33 -7.99
C ASN A 90 14.01 -13.26 -9.33
N THR A 91 12.75 -12.82 -9.32
CA THR A 91 11.94 -12.78 -10.53
C THR A 91 11.33 -11.42 -10.88
N GLY A 92 11.16 -10.56 -9.88
CA GLY A 92 10.47 -9.31 -10.05
C GLY A 92 9.02 -9.45 -10.46
N ALA A 93 8.42 -10.63 -10.22
CA ALA A 93 7.04 -10.91 -10.64
C ALA A 93 6.01 -10.28 -9.72
N SER A 94 4.86 -9.94 -10.28
CA SER A 94 3.78 -9.27 -9.56
C SER A 94 3.30 -10.08 -8.37
N GLN A 95 3.37 -11.41 -8.45
CA GLN A 95 2.84 -12.21 -7.34
C GLN A 95 3.65 -12.09 -6.05
N TYR A 96 4.85 -11.54 -6.13
CA TYR A 96 5.70 -11.32 -4.98
C TYR A 96 5.92 -9.84 -4.68
N ASP A 97 5.11 -8.97 -5.26
CA ASP A 97 5.37 -7.53 -5.20
C ASP A 97 4.76 -6.98 -3.91
N PHE A 98 5.37 -7.35 -2.81
CA PHE A 98 5.02 -6.80 -1.52
C PHE A 98 6.25 -6.82 -0.63
N ALA A 99 6.22 -6.01 0.42
CA ALA A 99 7.35 -5.87 1.31
C ALA A 99 6.92 -5.25 2.61
N VAL A 100 7.74 -5.43 3.62
CA VAL A 100 7.49 -4.86 4.92
C VAL A 100 8.66 -3.97 5.33
N ILE A 101 8.37 -2.86 6.01
CA ILE A 101 9.40 -1.94 6.47
C ILE A 101 9.27 -1.81 7.98
N LYS A 102 10.40 -1.91 8.69
CA LYS A 102 10.42 -1.62 10.13
C LYS A 102 10.63 -0.14 10.35
N THR A 103 9.97 0.41 11.36
CA THR A 103 10.15 1.80 11.75
C THR A 103 10.95 1.84 13.03
N ASP A 104 11.48 3.02 13.32
CA ASP A 104 12.41 3.18 14.44
C ASP A 104 11.67 3.32 15.77
N THR A 105 10.41 3.74 15.71
CA THR A 105 9.57 3.83 16.88
C THR A 105 8.30 3.08 16.62
N ASN A 106 7.55 2.82 17.70
CA ASN A 106 6.34 2.00 17.65
C ASN A 106 5.14 2.88 17.35
N ILE A 107 5.16 3.51 16.19
CA ILE A 107 4.11 4.46 15.83
C ILE A 107 2.74 3.82 15.64
N GLY A 108 2.70 2.52 15.36
CA GLY A 108 1.47 1.78 15.25
C GLY A 108 0.67 1.66 16.55
N ASN A 109 1.33 1.81 17.68
CA ASN A 109 0.54 1.81 18.92
C ASN A 109 -0.18 3.09 19.23
N THR A 110 0.22 4.17 18.58
CA THR A 110 -0.48 5.45 18.76
C THR A 110 -1.70 5.51 17.85
N VAL A 111 -1.53 5.18 16.56
CA VAL A 111 -2.65 5.27 15.62
C VAL A 111 -3.40 3.97 15.38
N GLY A 112 -2.82 2.84 15.78
CA GLY A 112 -3.43 1.55 15.48
C GLY A 112 -2.88 1.00 14.17
N TYR A 113 -3.21 -0.25 13.90
CA TYR A 113 -2.76 -0.90 12.69
C TYR A 113 -3.81 -1.93 12.27
N ARG A 114 -3.69 -2.40 11.04
CA ARG A 114 -4.66 -3.23 10.35
C ARG A 114 -4.24 -4.69 10.35
N SER A 115 -5.21 -5.59 10.45
CA SER A 115 -4.97 -7.02 10.35
C SER A 115 -5.16 -7.43 8.91
N ILE A 116 -4.64 -8.61 8.61
CA ILE A 116 -4.63 -9.20 7.29
C ILE A 116 -5.53 -10.43 7.33
N ARG A 117 -6.43 -10.51 6.36
CA ARG A 117 -7.28 -11.67 6.18
C ARG A 117 -6.82 -12.43 4.96
N GLN A 118 -6.42 -13.69 5.18
CA GLN A 118 -6.15 -14.63 4.13
C GLN A 118 -7.41 -14.94 3.33
N VAL A 119 -7.31 -14.90 2.02
CA VAL A 119 -8.45 -15.09 1.12
C VAL A 119 -8.14 -16.16 0.08
N THR A 120 -9.19 -16.71 -0.52
CA THR A 120 -9.00 -17.58 -1.68
C THR A 120 -9.52 -16.84 -2.91
N ASN A 121 -10.76 -16.36 -2.81
CA ASN A 121 -11.41 -15.66 -3.92
C ASN A 121 -11.92 -14.30 -3.47
N LEU A 122 -11.65 -13.28 -4.27
CA LEU A 122 -12.19 -11.95 -4.03
C LEU A 122 -13.22 -11.47 -5.06
N THR A 123 -13.42 -12.19 -6.17
CA THR A 123 -14.37 -11.72 -7.20
C THR A 123 -15.72 -11.35 -6.59
N GLY A 124 -16.21 -10.15 -6.86
CA GLY A 124 -17.48 -9.67 -6.33
C GLY A 124 -17.42 -8.95 -5.00
N THR A 125 -16.28 -9.01 -4.33
CA THR A 125 -16.09 -8.36 -3.03
C THR A 125 -15.86 -6.88 -3.30
N THR A 126 -16.45 -6.03 -2.47
CA THR A 126 -16.17 -4.59 -2.51
C THR A 126 -14.94 -4.28 -1.67
N ILE A 127 -13.96 -3.61 -2.29
CA ILE A 127 -12.77 -3.18 -1.59
C ILE A 127 -12.62 -1.67 -1.70
N LYS A 128 -11.79 -1.12 -0.82
CA LYS A 128 -11.49 0.31 -0.78
C LYS A 128 -9.99 0.40 -0.94
N ILE A 129 -9.55 1.30 -1.79
CA ILE A 129 -8.14 1.59 -1.94
C ILE A 129 -7.92 3.08 -1.61
N SER A 130 -7.18 3.36 -0.53
CA SER A 130 -6.93 4.71 -0.11
C SER A 130 -5.43 4.86 -0.01
N GLY A 131 -4.91 5.98 -0.49
CA GLY A 131 -3.49 6.25 -0.41
C GLY A 131 -3.10 7.63 -0.92
N TYR A 132 -1.86 7.77 -1.39
CA TYR A 132 -1.20 9.06 -1.66
C TYR A 132 -0.72 9.18 -3.12
N PRO A 133 -1.65 9.42 -4.04
CA PRO A 133 -1.31 9.55 -5.47
C PRO A 133 -0.59 10.84 -5.79
N GLY A 134 0.35 10.76 -6.72
CA GLY A 134 1.17 11.88 -7.13
C GLY A 134 0.48 12.93 -7.98
N ASP A 135 -0.57 12.55 -8.70
CA ASP A 135 -1.25 13.48 -9.58
C ASP A 135 -2.04 14.49 -8.76
N LYS A 136 -2.65 14.05 -7.67
CA LYS A 136 -3.32 14.97 -6.75
C LYS A 136 -2.31 15.87 -6.02
N MET A 137 -1.09 15.39 -5.79
CA MET A 137 -0.06 16.23 -5.19
C MET A 137 0.24 17.40 -6.12
N ARG A 138 0.30 17.11 -7.43
CA ARG A 138 0.61 18.14 -8.43
C ARG A 138 -0.51 19.19 -8.46
N SER A 139 -1.76 18.72 -8.53
CA SER A 139 -2.89 19.60 -8.80
C SER A 139 -3.34 20.41 -7.58
N THR A 140 -3.20 19.86 -6.36
CA THR A 140 -3.54 20.60 -5.13
C THR A 140 -2.33 21.23 -4.42
N GLY A 141 -1.12 20.84 -4.79
CA GLY A 141 0.09 21.23 -4.08
C GLY A 141 0.21 20.76 -2.64
N LYS A 142 -0.58 19.77 -2.25
CA LYS A 142 -0.56 19.26 -0.88
C LYS A 142 -0.53 17.74 -0.93
N VAL A 143 0.13 17.17 0.07
CA VAL A 143 0.13 15.72 0.29
C VAL A 143 -1.09 15.37 1.13
N SER A 144 -2.08 14.72 0.50
CA SER A 144 -3.33 14.34 1.15
C SER A 144 -3.68 12.92 0.71
N GLN A 145 -4.56 12.29 1.47
CA GLN A 145 -4.98 10.91 1.24
C GLN A 145 -6.26 10.97 0.41
N TRP A 146 -6.34 10.15 -0.64
CA TRP A 146 -7.49 10.04 -1.54
C TRP A 146 -7.95 8.58 -1.59
N GLU A 147 -9.25 8.36 -1.62
CA GLU A 147 -9.82 7.02 -1.61
C GLU A 147 -10.87 6.79 -2.72
N MET A 148 -11.08 5.52 -3.03
CA MET A 148 -12.14 5.09 -3.95
C MET A 148 -12.47 3.65 -3.67
N SER A 149 -13.75 3.28 -3.78
CA SER A 149 -14.17 1.91 -3.55
C SER A 149 -14.72 1.33 -4.83
N GLY A 150 -14.67 0.03 -4.97
CA GLY A 150 -15.26 -0.65 -6.11
C GLY A 150 -15.20 -2.15 -5.93
N SER A 151 -15.71 -2.90 -6.91
CA SER A 151 -15.72 -4.35 -6.84
C SER A 151 -14.50 -4.97 -7.49
N VAL A 152 -14.06 -6.11 -6.97
CA VAL A 152 -13.04 -6.89 -7.65
C VAL A 152 -13.73 -7.57 -8.85
N THR A 153 -13.27 -7.28 -10.06
CA THR A 153 -14.00 -7.71 -11.25
C THR A 153 -13.49 -9.04 -11.81
N ARG A 154 -12.22 -9.35 -11.59
CA ARG A 154 -11.66 -10.66 -11.91
C ARG A 154 -10.44 -10.94 -11.06
N GLU A 155 -9.95 -12.16 -11.15
CA GLU A 155 -8.77 -12.56 -10.40
C GLU A 155 -8.17 -13.79 -11.01
N ASP A 156 -6.94 -14.08 -10.62
CA ASP A 156 -6.31 -15.35 -10.92
C ASP A 156 -5.87 -15.92 -9.60
N THR A 157 -4.93 -16.86 -9.59
CA THR A 157 -4.60 -17.50 -8.33
C THR A 157 -3.79 -16.59 -7.38
N ASN A 158 -3.04 -15.64 -7.91
CA ASN A 158 -2.25 -14.72 -7.08
C ASN A 158 -2.70 -13.27 -7.05
N LEU A 159 -3.41 -12.81 -8.08
CA LEU A 159 -3.71 -11.38 -8.25
C LEU A 159 -5.19 -11.13 -8.33
N ALA A 160 -5.59 -9.94 -7.89
CA ALA A 160 -6.95 -9.48 -8.02
C ALA A 160 -6.94 -8.19 -8.85
N TYR A 161 -8.00 -7.97 -9.60
CA TYR A 161 -8.10 -6.84 -10.53
C TYR A 161 -9.39 -6.02 -10.33
N TYR A 162 -9.32 -4.74 -10.67
CA TYR A 162 -10.38 -3.79 -10.41
C TYR A 162 -10.18 -2.53 -11.26
N THR A 163 -11.26 -1.77 -11.44
CA THR A 163 -11.22 -0.49 -12.18
C THR A 163 -11.12 0.71 -11.27
N ILE A 164 -10.92 0.49 -9.97
CA ILE A 164 -10.66 1.58 -9.05
C ILE A 164 -9.44 2.35 -9.58
N ASP A 165 -9.53 3.67 -9.59
CA ASP A 165 -8.51 4.54 -10.18
C ASP A 165 -7.30 4.63 -9.26
N THR A 166 -6.12 4.60 -9.86
CA THR A 166 -4.86 4.75 -9.12
C THR A 166 -3.88 5.49 -10.00
N PHE A 167 -2.89 6.09 -9.35
CA PHE A 167 -1.81 6.80 -10.02
C PHE A 167 -0.52 6.52 -9.26
N SER A 168 0.59 6.75 -9.92
CA SER A 168 1.92 6.67 -9.30
C SER A 168 1.86 7.34 -7.91
N GLY A 169 2.37 6.63 -6.91
CA GLY A 169 2.27 7.04 -5.51
C GLY A 169 1.30 6.13 -4.79
N ASN A 170 0.29 5.61 -5.50
CA ASN A 170 -0.61 4.62 -4.91
C ASN A 170 0.00 3.22 -4.73
N SER A 171 1.13 2.94 -5.38
CA SER A 171 1.88 1.71 -5.17
C SER A 171 1.97 1.37 -3.67
N GLY A 172 1.47 0.21 -3.27
CA GLY A 172 1.53 -0.20 -1.88
C GLY A 172 0.28 0.06 -1.11
N SER A 173 -0.71 0.70 -1.74
CA SER A 173 -2.01 0.91 -1.08
C SER A 173 -2.63 -0.44 -0.81
N ALA A 174 -3.14 -0.59 0.39
CA ALA A 174 -3.84 -1.84 0.74
C ALA A 174 -5.18 -1.95 0.04
N MET A 175 -5.60 -3.16 -0.27
CA MET A 175 -6.99 -3.42 -0.59
C MET A 175 -7.68 -3.78 0.73
N LEU A 176 -8.64 -2.94 1.12
CA LEU A 176 -9.34 -3.09 2.39
C LEU A 176 -10.74 -3.58 2.10
N ASP A 177 -11.15 -4.61 2.80
CA ASP A 177 -12.52 -5.06 2.74
C ASP A 177 -13.45 -4.27 3.67
N GLN A 178 -14.72 -4.65 3.73
CA GLN A 178 -15.77 -3.94 4.45
C GLN A 178 -15.45 -3.85 5.94
N ASN A 179 -14.68 -4.78 6.49
CA ASN A 179 -14.26 -4.80 7.91
C ASN A 179 -12.88 -4.23 8.17
N GLN A 180 -12.37 -3.47 7.20
CA GLN A 180 -11.07 -2.83 7.30
C GLN A 180 -9.95 -3.83 7.46
N GLN A 181 -10.13 -5.04 6.93
CA GLN A 181 -9.03 -5.99 6.89
C GLN A 181 -8.29 -5.92 5.53
N ILE A 182 -6.98 -6.10 5.54
CA ILE A 182 -6.20 -6.08 4.31
C ILE A 182 -6.37 -7.44 3.59
N VAL A 183 -6.78 -7.41 2.33
CA VAL A 183 -6.90 -8.63 1.50
C VAL A 183 -5.95 -8.68 0.33
N GLY A 184 -5.05 -7.70 0.23
CA GLY A 184 -4.14 -7.63 -0.88
C GLY A 184 -3.50 -6.26 -0.90
N VAL A 185 -2.58 -6.04 -1.84
N VAL A 185 -2.64 -6.03 -1.87
CA VAL A 185 -1.89 -4.75 -1.97
CA VAL A 185 -2.02 -4.74 -2.01
C VAL A 185 -1.85 -4.34 -3.46
C VAL A 185 -1.99 -4.38 -3.50
N HIS A 186 -2.36 -3.14 -3.80
CA HIS A 186 -2.28 -2.62 -5.16
C HIS A 186 -0.83 -2.51 -5.63
N ASN A 187 -0.54 -2.93 -6.86
CA ASN A 187 0.79 -2.69 -7.43
C ASN A 187 0.90 -2.05 -8.81
N ALA A 188 -0.06 -2.23 -9.72
CA ALA A 188 0.14 -1.79 -11.11
C ALA A 188 -1.09 -1.72 -11.97
N GLY A 189 -0.91 -1.16 -13.17
CA GLY A 189 -1.86 -1.26 -14.25
C GLY A 189 -1.59 -2.51 -15.09
N TYR A 190 -2.66 -3.11 -15.57
CA TYR A 190 -2.63 -4.34 -16.36
C TYR A 190 -3.38 -4.16 -17.69
N SER A 191 -3.21 -5.12 -18.60
CA SER A 191 -3.99 -5.18 -19.83
C SER A 191 -3.94 -3.85 -20.59
N ASN A 192 -2.72 -3.33 -20.72
CA ASN A 192 -2.43 -2.10 -21.44
C ASN A 192 -3.22 -0.90 -20.92
N GLY A 193 -3.36 -0.86 -19.59
CA GLY A 193 -3.96 0.27 -18.90
C GLY A 193 -5.46 0.28 -18.86
N THR A 194 -6.09 -0.88 -18.97
CA THR A 194 -7.54 -0.94 -18.94
C THR A 194 -8.10 -1.42 -17.61
N ILE A 195 -7.23 -1.86 -16.70
CA ILE A 195 -7.65 -2.33 -15.38
C ILE A 195 -6.44 -2.21 -14.46
N ASN A 196 -6.71 -2.18 -13.16
CA ASN A 196 -5.65 -2.13 -12.16
C ASN A 196 -5.64 -3.41 -11.37
N GLY A 197 -4.59 -3.68 -10.62
CA GLY A 197 -4.53 -4.91 -9.84
C GLY A 197 -3.34 -5.03 -8.93
N GLY A 198 -3.27 -6.12 -8.20
CA GLY A 198 -2.17 -6.43 -7.36
C GLY A 198 -2.34 -7.74 -6.60
N PRO A 199 -1.29 -8.13 -5.89
CA PRO A 199 -1.28 -9.40 -5.16
C PRO A 199 -2.32 -9.49 -4.06
N LYS A 200 -3.06 -10.61 -4.05
CA LYS A 200 -3.99 -10.98 -3.00
C LYS A 200 -3.26 -11.54 -1.79
N ALA A 201 -3.92 -11.51 -0.65
CA ALA A 201 -3.42 -12.09 0.59
C ALA A 201 -3.60 -13.60 0.52
N THR A 202 -2.76 -14.27 -0.25
CA THR A 202 -2.78 -15.74 -0.30
C THR A 202 -2.06 -16.32 0.90
N ALA A 203 -2.06 -17.65 0.99
CA ALA A 203 -1.26 -18.31 2.01
C ALA A 203 0.23 -17.92 1.94
N ALA A 204 0.79 -17.74 0.75
CA ALA A 204 2.22 -17.43 0.61
C ALA A 204 2.52 -15.99 1.08
N PHE A 205 1.61 -15.09 0.74
CA PHE A 205 1.63 -13.71 1.23
C PHE A 205 1.63 -13.70 2.75
N VAL A 206 0.71 -14.44 3.35
CA VAL A 206 0.54 -14.39 4.80
C VAL A 206 1.73 -14.98 5.55
N GLU A 207 2.29 -16.08 5.05
CA GLU A 207 3.51 -16.64 5.63
C GLU A 207 4.67 -15.65 5.67
N PHE A 208 4.89 -14.90 4.59
CA PHE A 208 6.01 -13.96 4.57
C PHE A 208 5.76 -12.85 5.58
N ILE A 209 4.54 -12.34 5.62
CA ILE A 209 4.15 -11.26 6.55
C ILE A 209 4.34 -11.68 8.01
N ASN A 210 3.96 -12.91 8.35
CA ASN A 210 4.14 -13.49 9.69
C ASN A 210 5.59 -13.57 10.10
N TYR A 211 6.46 -13.92 9.15
CA TYR A 211 7.89 -13.90 9.41
C TYR A 211 8.36 -12.47 9.66
N ALA A 212 7.91 -11.54 8.81
CA ALA A 212 8.30 -10.14 8.91
C ALA A 212 7.83 -9.49 10.20
N LYS A 213 6.63 -9.85 10.64
CA LYS A 213 6.10 -9.36 11.90
C LYS A 213 6.97 -9.78 13.09
N ALA A 214 7.67 -10.90 13.00
CA ALA A 214 8.54 -11.35 14.09
C ALA A 214 9.96 -10.70 14.11
N GLN A 215 10.26 -9.77 13.20
CA GLN A 215 11.61 -9.21 13.10
C GLN A 215 11.79 -7.89 13.84
#